data_7TQ8
#
_entry.id   7TQ8
#
_cell.length_a   100.729
_cell.length_b   57.611
_cell.length_c   49.742
_cell.angle_alpha   90.00
_cell.angle_beta   112.22
_cell.angle_gamma   90.00
#
_symmetry.space_group_name_H-M   'C 1 2 1'
#
loop_
_entity.id
_entity.type
_entity.pdbx_description
1 polymer 'Orf1a protein'
2 non-polymer '(1R,2S)-1-hydroxy-3-[(3S)-2-oxopyrrolidin-3-yl]-2-{[N-({[(1R,2S)-2-propylcyclopropyl]methoxy}carbonyl)-L-leucyl]amino}propane-1-sulfonic acid'
3 non-polymer '(1S,2S)-1-hydroxy-3-[(3S)-2-oxopyrrolidin-3-yl]-2-{[N-({[(1R,2S)-2-propylcyclopropyl]methoxy}carbonyl)-L-leucyl]amino}propane-1-sulfonic acid'
4 non-polymer 'TETRAETHYLENE GLYCOL'
5 water water
#
_entity_poly.entity_id   1
_entity_poly.type   'polypeptide(L)'
_entity_poly.pdbx_seq_one_letter_code
;MHHHHHHSGLVKMSHPSGDVEACMVQVTCGSMTLNGLWLDNTVWCPRHVMCPADQLSDPNYDALLISMTNHSFSVQKHIG
APANLRVVGHAMQGTLLKLTVDVANPSTPAYTFTTVKPGAAFSVLACYNGRPTGTFTVVMRPNYTIKGSFLCGSCGSVGY
TKEGSVINFCYMHQMELANGTHTGSAFDGTMYGAFMDKQVHQVQLTDKYCSVNVVAWLYAAILNGCAWFVKPNRTSVVSF
NEWALANQFTEFVGTQSVDMLAVKTGVAIEQLLYAIQQLYTGFQGKQILGSTMLEDEFTPEDVNMQIMGVVMQ
;
_entity_poly.pdbx_strand_id   A
#
loop_
_chem_comp.id
_chem_comp.type
_chem_comp.name
_chem_comp.formula
IRK non-polymer '(1R,2S)-1-hydroxy-3-[(3S)-2-oxopyrrolidin-3-yl]-2-{[N-({[(1R,2S)-2-propylcyclopropyl]methoxy}carbonyl)-L-leucyl]amino}propane-1-sulfonic acid' 'C21 H37 N3 O8 S'
IUB non-polymer '(1S,2S)-1-hydroxy-3-[(3S)-2-oxopyrrolidin-3-yl]-2-{[N-({[(1R,2S)-2-propylcyclopropyl]methoxy}carbonyl)-L-leucyl]amino}propane-1-sulfonic acid' 'C21 H37 N3 O8 S'
PG4 non-polymer 'TETRAETHYLENE GLYCOL' 'C8 H18 O5'
#
# COMPACT_ATOMS: atom_id res chain seq x y z
N HIS A 6 -26.96 -12.15 0.16
CA HIS A 6 -26.61 -11.25 1.30
C HIS A 6 -25.31 -10.52 1.01
N HIS A 7 -25.22 -9.26 1.44
CA HIS A 7 -24.00 -8.48 1.29
C HIS A 7 -23.40 -8.21 2.65
N SER A 8 -22.07 -8.39 2.75
CA SER A 8 -21.35 -8.28 4.02
C SER A 8 -21.28 -6.87 4.57
N GLY A 9 -21.50 -5.87 3.74
CA GLY A 9 -21.27 -4.51 4.17
C GLY A 9 -19.84 -4.09 4.05
N LEU A 10 -18.99 -4.92 3.46
CA LEU A 10 -17.59 -4.60 3.23
C LEU A 10 -17.38 -4.11 1.81
N VAL A 11 -16.72 -2.96 1.66
CA VAL A 11 -16.22 -2.51 0.38
C VAL A 11 -14.75 -2.16 0.56
N LYS A 12 -14.07 -1.97 -0.57
CA LYS A 12 -12.72 -1.44 -0.54
C LYS A 12 -12.83 0.07 -0.36
N MET A 13 -12.53 0.54 0.84
CA MET A 13 -12.76 1.91 1.25
C MET A 13 -11.44 2.65 1.31
N SER A 14 -11.36 3.74 0.56
CA SER A 14 -10.22 4.62 0.59
C SER A 14 -10.53 5.84 1.43
N HIS A 15 -9.48 6.53 1.89
CA HIS A 15 -9.70 7.82 2.53
C HIS A 15 -10.21 8.81 1.49
N PRO A 16 -10.93 9.84 1.90
CA PRO A 16 -11.18 10.93 0.97
C PRO A 16 -9.84 11.50 0.52
N SER A 17 -9.73 11.81 -0.77
CA SER A 17 -8.44 12.12 -1.38
C SER A 17 -8.14 13.61 -1.52
N GLY A 18 -9.07 14.50 -1.14
CA GLY A 18 -8.89 15.91 -1.45
C GLY A 18 -7.63 16.53 -0.89
N ASP A 19 -7.31 16.22 0.37
CA ASP A 19 -6.13 16.81 0.99
C ASP A 19 -4.86 16.47 0.23
N VAL A 20 -4.78 15.25 -0.30
CA VAL A 20 -3.59 14.82 -1.06
C VAL A 20 -3.63 15.36 -2.48
N GLU A 21 -4.83 15.43 -3.10
CA GLU A 21 -4.94 16.03 -4.44
C GLU A 21 -4.28 17.38 -4.48
N ALA A 22 -4.44 18.18 -3.42
CA ALA A 22 -3.90 19.53 -3.42
C ALA A 22 -2.39 19.56 -3.31
N CYS A 23 -1.75 18.41 -3.17
CA CYS A 23 -0.30 18.31 -3.05
C CYS A 23 0.37 17.77 -4.29
N MET A 24 -0.38 17.37 -5.30
CA MET A 24 0.20 16.70 -6.46
C MET A 24 0.65 17.72 -7.48
N VAL A 25 1.85 17.49 -8.03
CA VAL A 25 2.40 18.34 -9.08
C VAL A 25 2.96 17.42 -10.17
N GLN A 26 3.34 18.03 -11.29
CA GLN A 26 4.05 17.37 -12.37
C GLN A 26 5.54 17.75 -12.31
N VAL A 27 6.42 16.77 -12.54
CA VAL A 27 7.87 17.00 -12.56
C VAL A 27 8.41 16.47 -13.86
N THR A 28 9.20 17.28 -14.56
CA THR A 28 9.82 16.86 -15.82
C THR A 28 11.28 17.26 -15.79
N CYS A 29 12.15 16.38 -16.31
CA CYS A 29 13.55 16.69 -16.55
C CYS A 29 13.91 16.78 -18.03
N GLY A 30 12.92 16.78 -18.90
CA GLY A 30 13.16 16.69 -20.32
C GLY A 30 13.08 15.29 -20.88
N SER A 31 13.08 14.28 -20.01
CA SER A 31 12.86 12.89 -20.43
C SER A 31 11.43 12.48 -20.13
N MET A 32 11.21 11.68 -19.08
CA MET A 32 9.86 11.36 -18.70
C MET A 32 9.26 12.48 -17.86
N THR A 33 7.96 12.54 -17.88
CA THR A 33 7.22 13.39 -16.97
CA THR A 33 7.21 13.38 -16.97
C THR A 33 6.53 12.47 -15.98
N LEU A 34 6.72 12.71 -14.70
CA LEU A 34 5.96 11.93 -13.73
C LEU A 34 5.43 12.89 -12.67
N ASN A 35 4.93 12.35 -11.58
CA ASN A 35 4.27 13.13 -10.56
C ASN A 35 5.18 13.36 -9.38
N GLY A 36 4.91 14.44 -8.65
CA GLY A 36 5.59 14.71 -7.41
C GLY A 36 4.59 15.12 -6.33
N LEU A 37 5.08 15.12 -5.11
CA LEU A 37 4.30 15.44 -3.93
C LEU A 37 4.91 16.68 -3.29
N TRP A 38 4.09 17.75 -3.21
CA TRP A 38 4.52 19.07 -2.77
C TRP A 38 4.02 19.31 -1.34
N LEU A 39 4.95 19.30 -0.38
CA LEU A 39 4.66 19.52 1.02
C LEU A 39 5.59 20.64 1.49
N ASP A 40 5.04 21.67 2.13
CA ASP A 40 5.89 22.78 2.62
C ASP A 40 6.71 23.26 1.41
N ASN A 41 8.03 23.41 1.53
CA ASN A 41 8.87 23.86 0.42
C ASN A 41 9.57 22.73 -0.32
N THR A 42 9.07 21.50 -0.21
CA THR A 42 9.72 20.35 -0.79
C THR A 42 8.79 19.66 -1.78
N VAL A 43 9.37 19.20 -2.89
CA VAL A 43 8.68 18.31 -3.84
C VAL A 43 9.44 17.00 -3.88
N TRP A 44 8.75 15.91 -3.58
CA TRP A 44 9.30 14.56 -3.63
C TRP A 44 8.91 13.92 -4.94
N CYS A 45 9.84 13.21 -5.58
CA CYS A 45 9.47 12.48 -6.79
C CYS A 45 10.47 11.35 -7.01
N PRO A 46 10.12 10.37 -7.86
CA PRO A 46 11.07 9.29 -8.14
C PRO A 46 12.30 9.81 -8.84
N ARG A 47 13.43 9.23 -8.48
CA ARG A 47 14.66 9.74 -9.09
C ARG A 47 14.79 9.35 -10.56
N HIS A 48 14.06 8.34 -11.05
CA HIS A 48 14.23 8.03 -12.47
C HIS A 48 13.60 9.09 -13.38
N VAL A 49 13.07 10.19 -12.83
CA VAL A 49 12.73 11.31 -13.70
C VAL A 49 13.97 11.84 -14.37
N MET A 50 15.14 11.61 -13.79
CA MET A 50 16.39 12.09 -14.38
C MET A 50 16.89 11.18 -15.48
N CYS A 51 16.36 10.01 -15.59
CA CYS A 51 16.98 9.00 -16.45
C CYS A 51 16.49 9.15 -17.89
N PRO A 52 17.40 9.24 -18.87
CA PRO A 52 16.96 9.09 -20.27
C PRO A 52 16.55 7.64 -20.54
N ALA A 53 15.68 7.46 -21.54
CA ALA A 53 15.12 6.12 -21.77
C ALA A 53 16.21 5.11 -22.15
N ASP A 54 17.28 5.55 -22.79
CA ASP A 54 18.36 4.65 -23.16
C ASP A 54 19.17 4.15 -21.96
N GLN A 55 18.84 4.58 -20.74
CA GLN A 55 19.59 4.18 -19.56
C GLN A 55 18.70 3.67 -18.44
N LEU A 56 17.40 3.47 -18.69
CA LEU A 56 16.50 3.03 -17.63
C LEU A 56 16.87 1.66 -17.06
N SER A 57 17.58 0.83 -17.82
CA SER A 57 17.90 -0.50 -17.35
C SER A 57 19.10 -0.54 -16.41
N ASP A 58 20.01 0.45 -16.48
CA ASP A 58 21.16 0.51 -15.57
C ASP A 58 21.60 1.96 -15.45
N PRO A 59 20.79 2.81 -14.83
CA PRO A 59 21.21 4.18 -14.63
C PRO A 59 22.36 4.29 -13.65
N ASN A 60 23.21 5.29 -13.83
CA ASN A 60 24.09 5.71 -12.75
C ASN A 60 23.43 6.95 -12.16
N TYR A 61 22.65 6.74 -11.10
CA TYR A 61 21.91 7.86 -10.56
C TYR A 61 22.80 8.91 -9.91
N ASP A 62 23.92 8.51 -9.29
CA ASP A 62 24.85 9.49 -8.72
C ASP A 62 25.36 10.45 -9.79
N ALA A 63 25.74 9.93 -10.95
CA ALA A 63 26.22 10.80 -12.01
C ALA A 63 25.09 11.62 -12.61
N LEU A 64 23.90 11.03 -12.80
CA LEU A 64 22.75 11.79 -13.23
C LEU A 64 22.50 12.97 -12.29
N LEU A 65 22.53 12.72 -10.97
CA LEU A 65 22.23 13.79 -10.02
C LEU A 65 23.21 14.95 -10.18
N ILE A 66 24.50 14.63 -10.33
CA ILE A 66 25.48 15.70 -10.44
C ILE A 66 25.29 16.42 -11.77
N SER A 67 24.80 15.73 -12.80
CA SER A 67 24.59 16.36 -14.09
C SER A 67 23.41 17.32 -14.10
N MET A 68 22.55 17.29 -13.09
CA MET A 68 21.43 18.19 -13.04
C MET A 68 21.79 19.46 -12.28
N THR A 69 21.16 20.55 -12.68
CA THR A 69 21.13 21.78 -11.94
C THR A 69 19.70 22.03 -11.48
N ASN A 70 19.51 23.05 -10.67
CA ASN A 70 18.16 23.31 -10.18
C ASN A 70 17.18 23.51 -11.33
N HIS A 71 17.54 24.31 -12.33
CA HIS A 71 16.53 24.60 -13.34
C HIS A 71 16.39 23.49 -14.38
N SER A 72 17.13 22.38 -14.23
CA SER A 72 16.85 21.17 -14.98
C SER A 72 15.48 20.56 -14.64
N PHE A 73 14.98 20.84 -13.44
CA PHE A 73 13.73 20.26 -12.96
C PHE A 73 12.63 21.30 -13.18
N SER A 74 11.64 20.94 -13.98
CA SER A 74 10.47 21.77 -14.19
C SER A 74 9.32 21.17 -13.39
N VAL A 75 8.81 21.94 -12.41
CA VAL A 75 7.72 21.52 -11.55
C VAL A 75 6.52 22.41 -11.82
N GLN A 76 5.37 21.77 -12.10
CA GLN A 76 4.16 22.49 -12.49
C GLN A 76 2.96 21.93 -11.73
N LYS A 77 2.07 22.81 -11.30
CA LYS A 77 0.80 22.42 -10.70
C LYS A 77 -0.32 22.83 -11.63
N HIS A 78 -1.20 21.89 -11.98
CA HIS A 78 -2.31 22.15 -12.91
C HIS A 78 -3.65 22.29 -12.20
N ILE A 79 -4.01 21.34 -11.35
CA ILE A 79 -5.29 21.34 -10.67
C ILE A 79 -5.38 22.53 -9.71
N ALA A 83 0.28 26.73 -11.17
CA ALA A 83 1.55 27.29 -10.75
C ALA A 83 2.72 26.70 -11.55
N ASN A 84 3.79 27.48 -11.67
CA ASN A 84 5.12 26.96 -11.93
C ASN A 84 5.93 27.18 -10.67
N LEU A 85 6.57 26.12 -10.19
CA LEU A 85 7.34 26.17 -8.96
C LEU A 85 8.82 26.15 -9.31
N ARG A 86 9.54 27.20 -8.93
CA ARG A 86 10.97 27.29 -9.21
C ARG A 86 11.75 26.42 -8.24
N VAL A 87 12.56 25.51 -8.77
CA VAL A 87 13.40 24.67 -7.92
C VAL A 87 14.64 25.46 -7.51
N VAL A 88 14.93 25.48 -6.21
CA VAL A 88 16.06 26.22 -5.66
C VAL A 88 17.04 25.32 -4.93
N GLY A 89 16.80 24.01 -4.90
CA GLY A 89 17.71 23.06 -4.30
C GLY A 89 17.29 21.67 -4.72
N HIS A 90 18.24 20.74 -4.84
CA HIS A 90 17.89 19.35 -5.12
C HIS A 90 18.85 18.41 -4.41
N ALA A 91 18.30 17.28 -3.99
CA ALA A 91 19.03 16.25 -3.26
C ALA A 91 18.39 14.91 -3.57
N MET A 92 19.18 13.84 -3.42
CA MET A 92 18.70 12.51 -3.65
C MET A 92 18.68 11.78 -2.33
N GLN A 93 17.58 11.10 -2.02
CA GLN A 93 17.56 10.22 -0.86
C GLN A 93 17.05 8.87 -1.29
N GLY A 94 17.95 7.90 -1.33
CA GLY A 94 17.68 6.58 -1.85
C GLY A 94 17.13 6.71 -3.25
N THR A 95 15.89 6.24 -3.44
CA THR A 95 15.26 6.19 -4.75
C THR A 95 14.37 7.39 -5.03
N LEU A 96 14.43 8.42 -4.18
CA LEU A 96 13.62 9.62 -4.33
C LEU A 96 14.50 10.85 -4.49
N LEU A 97 13.96 11.82 -5.19
CA LEU A 97 14.50 13.16 -5.16
C LEU A 97 13.71 14.04 -4.20
N LYS A 98 14.43 14.92 -3.52
CA LYS A 98 13.87 15.94 -2.66
C LYS A 98 14.23 17.27 -3.33
N LEU A 99 13.26 17.87 -4.00
CA LEU A 99 13.44 19.17 -4.64
C LEU A 99 12.95 20.26 -3.72
N THR A 100 13.77 21.29 -3.53
CA THR A 100 13.36 22.44 -2.72
C THR A 100 12.85 23.49 -3.68
N VAL A 101 11.67 24.04 -3.38
CA VAL A 101 11.03 24.98 -4.30
C VAL A 101 10.84 26.31 -3.56
N ASP A 102 10.61 27.37 -4.35
CA ASP A 102 10.57 28.71 -3.79
C ASP A 102 9.25 29.04 -3.08
N VAL A 103 8.19 28.28 -3.33
CA VAL A 103 6.87 28.54 -2.75
C VAL A 103 6.50 27.36 -1.86
N ALA A 104 6.10 27.65 -0.63
CA ALA A 104 5.51 26.63 0.22
C ALA A 104 4.07 26.34 -0.22
N ASN A 105 3.72 25.05 -0.26
CA ASN A 105 2.36 24.67 -0.61
C ASN A 105 1.39 25.22 0.43
N PRO A 106 0.47 26.10 0.05
CA PRO A 106 -0.44 26.66 1.05
C PRO A 106 -1.48 25.67 1.52
N SER A 107 -1.65 24.55 0.80
CA SER A 107 -2.58 23.51 1.19
C SER A 107 -1.87 22.28 1.75
N THR A 108 -0.66 22.45 2.28
CA THR A 108 0.00 21.35 2.96
C THR A 108 -0.83 20.85 4.13
N PRO A 109 -1.23 19.59 4.14
CA PRO A 109 -1.94 19.07 5.31
C PRO A 109 -0.98 18.82 6.45
N ALA A 110 -1.53 18.53 7.62
CA ALA A 110 -0.73 17.94 8.68
C ALA A 110 -0.31 16.55 8.22
N TYR A 111 0.98 16.24 8.31
CA TYR A 111 1.44 14.97 7.76
C TYR A 111 2.62 14.40 8.51
N THR A 112 2.83 13.09 8.30
CA THR A 112 4.03 12.38 8.70
C THR A 112 4.42 11.47 7.56
N PHE A 113 5.61 10.91 7.67
CA PHE A 113 6.04 9.83 6.81
C PHE A 113 6.09 8.56 7.65
N THR A 114 5.63 7.46 7.09
CA THR A 114 5.69 6.18 7.80
C THR A 114 5.90 5.08 6.78
N THR A 115 6.33 3.92 7.26
CA THR A 115 6.46 2.74 6.42
C THR A 115 5.29 1.83 6.77
N VAL A 116 4.64 1.32 5.77
CA VAL A 116 3.51 0.42 5.96
C VAL A 116 4.04 -1.01 6.00
N LYS A 117 3.39 -1.84 6.81
CA LYS A 117 3.82 -3.22 7.03
C LYS A 117 2.93 -4.19 6.27
N PRO A 118 3.44 -5.37 5.93
CA PRO A 118 2.60 -6.34 5.22
C PRO A 118 1.29 -6.61 5.95
N GLY A 119 0.22 -6.72 5.15
CA GLY A 119 -1.13 -6.90 5.63
C GLY A 119 -1.87 -5.62 5.91
N ALA A 120 -1.17 -4.51 6.08
CA ALA A 120 -1.83 -3.25 6.36
C ALA A 120 -2.32 -2.57 5.08
N ALA A 121 -3.44 -1.88 5.21
CA ALA A 121 -4.11 -1.22 4.11
C ALA A 121 -3.68 0.24 4.02
N PHE A 122 -3.68 0.75 2.80
CA PHE A 122 -3.44 2.17 2.57
C PHE A 122 -4.16 2.59 1.29
N SER A 123 -4.37 3.89 1.18
CA SER A 123 -5.08 4.52 0.08
C SER A 123 -4.07 5.05 -0.93
N VAL A 124 -4.37 4.89 -2.22
CA VAL A 124 -3.49 5.37 -3.28
C VAL A 124 -4.23 6.39 -4.10
N LEU A 125 -3.54 7.47 -4.47
CA LEU A 125 -4.09 8.45 -5.40
C LEU A 125 -3.29 8.31 -6.68
N ALA A 126 -3.90 7.71 -7.69
CA ALA A 126 -3.27 7.46 -8.98
C ALA A 126 -3.33 8.75 -9.78
N CYS A 127 -2.18 9.20 -10.25
CA CYS A 127 -2.07 10.47 -10.95
C CYS A 127 -1.29 10.28 -12.24
N TYR A 128 -1.60 11.11 -13.24
CA TYR A 128 -0.88 11.14 -14.50
C TYR A 128 -0.66 12.60 -14.87
N ASN A 129 0.58 12.96 -15.24
CA ASN A 129 0.92 14.35 -15.62
C ASN A 129 0.48 15.35 -14.56
N GLY A 130 0.58 14.96 -13.29
CA GLY A 130 0.24 15.84 -12.21
C GLY A 130 -1.24 15.94 -11.91
N ARG A 131 -2.06 15.18 -12.61
CA ARG A 131 -3.50 15.27 -12.48
C ARG A 131 -4.03 14.01 -11.80
N PRO A 132 -4.65 14.14 -10.63
CA PRO A 132 -5.27 12.96 -10.01
C PRO A 132 -6.37 12.39 -10.89
N THR A 133 -6.37 11.06 -11.01
CA THR A 133 -7.30 10.39 -11.91
CA THR A 133 -7.23 10.34 -11.93
C THR A 133 -8.14 9.33 -11.23
N GLY A 134 -7.69 8.76 -10.12
CA GLY A 134 -8.50 7.78 -9.42
C GLY A 134 -7.91 7.50 -8.06
N THR A 135 -8.72 6.89 -7.22
CA THR A 135 -8.22 6.44 -5.94
C THR A 135 -8.72 5.04 -5.64
N PHE A 136 -7.88 4.30 -4.93
CA PHE A 136 -8.13 2.90 -4.61
C PHE A 136 -7.36 2.59 -3.33
N THR A 137 -7.66 1.42 -2.74
CA THR A 137 -6.95 0.95 -1.55
C THR A 137 -6.39 -0.44 -1.83
N VAL A 138 -5.23 -0.70 -1.22
CA VAL A 138 -4.54 -1.97 -1.32
C VAL A 138 -4.01 -2.32 0.06
N VAL A 139 -3.69 -3.59 0.25
CA VAL A 139 -2.90 -4.02 1.39
C VAL A 139 -1.50 -4.31 0.89
N MET A 140 -0.49 -3.91 1.67
CA MET A 140 0.88 -4.32 1.37
C MET A 140 1.01 -5.83 1.48
N ARG A 141 1.44 -6.47 0.41
CA ARG A 141 1.55 -7.92 0.44
C ARG A 141 2.77 -8.39 1.23
N PRO A 142 2.73 -9.61 1.75
CA PRO A 142 3.91 -10.16 2.43
C PRO A 142 5.19 -10.14 1.61
N ASN A 143 5.14 -10.07 0.28
CA ASN A 143 6.36 -9.97 -0.52
C ASN A 143 6.65 -8.53 -0.95
N TYR A 144 6.02 -7.55 -0.30
CA TYR A 144 6.30 -6.13 -0.48
C TYR A 144 5.99 -5.65 -1.88
N THR A 145 4.96 -6.20 -2.45
CA THR A 145 4.34 -5.68 -3.65
C THR A 145 2.92 -5.30 -3.26
N ILE A 146 2.27 -4.58 -4.16
CA ILE A 146 0.85 -4.29 -4.01
C ILE A 146 0.17 -4.66 -5.32
N LYS A 147 -1.11 -5.03 -5.21
CA LYS A 147 -1.92 -5.39 -6.36
C LYS A 147 -2.69 -4.16 -6.79
N GLY A 148 -1.99 -3.26 -7.50
CA GLY A 148 -2.53 -1.97 -7.84
C GLY A 148 -3.03 -1.88 -9.27
N SER A 149 -3.14 -0.64 -9.74
CA SER A 149 -3.62 -0.36 -11.09
C SER A 149 -2.90 0.90 -11.52
N PHE A 150 -1.82 0.72 -12.26
CA PHE A 150 -0.89 1.77 -12.60
C PHE A 150 -0.46 1.58 -14.04
N LEU A 151 -0.35 2.69 -14.77
CA LEU A 151 0.09 2.67 -16.14
C LEU A 151 1.32 3.55 -16.32
N CYS A 152 1.87 3.56 -17.53
CA CYS A 152 2.93 4.51 -17.82
CA CYS A 152 2.93 4.51 -17.84
C CYS A 152 2.50 5.92 -17.46
N GLY A 153 3.38 6.63 -16.77
CA GLY A 153 3.11 7.99 -16.33
C GLY A 153 2.60 8.11 -14.91
N SER A 154 2.40 6.98 -14.22
CA SER A 154 1.83 7.03 -12.89
C SER A 154 2.87 7.13 -11.79
N CYS A 155 4.16 7.03 -12.12
CA CYS A 155 5.13 7.06 -11.05
C CYS A 155 5.08 8.40 -10.34
N GLY A 156 5.33 8.36 -9.05
CA GLY A 156 5.11 9.49 -8.20
C GLY A 156 3.73 9.56 -7.58
N SER A 157 2.78 8.75 -8.06
CA SER A 157 1.53 8.56 -7.34
C SER A 157 1.83 8.13 -5.92
N VAL A 158 0.98 8.56 -4.98
CA VAL A 158 1.32 8.37 -3.57
C VAL A 158 0.29 7.53 -2.86
N GLY A 159 0.78 6.85 -1.84
CA GLY A 159 -0.05 6.08 -0.93
C GLY A 159 0.07 6.64 0.47
N TYR A 160 -1.01 6.49 1.23
CA TYR A 160 -1.08 7.12 2.55
C TYR A 160 -2.15 6.45 3.41
N THR A 161 -1.97 6.59 4.71
CA THR A 161 -2.98 6.31 5.73
C THR A 161 -3.32 7.63 6.40
N LYS A 162 -4.31 7.62 7.28
CA LYS A 162 -4.76 8.87 7.89
C LYS A 162 -5.13 8.57 9.33
N GLU A 163 -4.61 9.36 10.26
CA GLU A 163 -4.94 9.27 11.68
C GLU A 163 -5.48 10.64 12.07
N GLY A 164 -6.78 10.71 12.31
CA GLY A 164 -7.37 12.01 12.51
C GLY A 164 -7.24 12.82 11.25
N SER A 165 -6.76 14.06 11.39
CA SER A 165 -6.47 14.95 10.27
C SER A 165 -5.08 14.74 9.70
N VAL A 166 -4.27 13.86 10.29
CA VAL A 166 -2.87 13.73 9.88
C VAL A 166 -2.75 12.64 8.81
N ILE A 167 -2.15 13.01 7.71
CA ILE A 167 -1.93 12.12 6.59
C ILE A 167 -0.55 11.52 6.77
N ASN A 168 -0.45 10.19 6.75
CA ASN A 168 0.80 9.48 6.93
C ASN A 168 1.16 8.92 5.56
N PHE A 169 2.09 9.60 4.89
CA PHE A 169 2.50 9.16 3.56
C PHE A 169 3.42 7.97 3.72
N CYS A 170 3.16 6.93 2.95
CA CYS A 170 3.86 5.67 3.10
C CYS A 170 4.37 5.07 1.80
N TYR A 171 4.00 5.62 0.65
CA TYR A 171 4.29 4.92 -0.61
C TYR A 171 4.41 5.94 -1.74
N MET A 172 5.45 5.81 -2.56
CA MET A 172 5.53 6.58 -3.79
C MET A 172 5.81 5.59 -4.91
N HIS A 173 4.94 5.58 -5.92
CA HIS A 173 4.95 4.52 -6.91
C HIS A 173 6.17 4.58 -7.83
N GLN A 174 6.75 3.40 -8.10
CA GLN A 174 7.96 3.29 -8.92
C GLN A 174 7.88 2.31 -10.09
N MET A 175 7.24 1.16 -9.93
CA MET A 175 7.38 0.17 -11.00
C MET A 175 6.33 -0.93 -10.93
N GLU A 176 6.25 -1.67 -12.05
CA GLU A 176 5.37 -2.82 -12.18
C GLU A 176 6.24 -4.03 -12.44
N LEU A 177 5.91 -5.13 -11.78
CA LEU A 177 6.66 -6.36 -11.95
C LEU A 177 6.01 -7.21 -13.03
N ALA A 178 6.73 -8.23 -13.48
CA ALA A 178 6.25 -9.01 -14.61
C ALA A 178 4.94 -9.72 -14.31
N ASN A 179 4.62 -9.97 -13.03
CA ASN A 179 3.38 -10.64 -12.68
C ASN A 179 2.23 -9.67 -12.48
N GLY A 180 2.40 -8.40 -12.86
CA GLY A 180 1.35 -7.43 -12.81
C GLY A 180 1.25 -6.68 -11.51
N THR A 181 2.01 -7.08 -10.50
CA THR A 181 1.96 -6.35 -9.24
C THR A 181 2.91 -5.16 -9.30
N HIS A 182 2.92 -4.39 -8.23
CA HIS A 182 3.54 -3.08 -8.21
C HIS A 182 4.40 -2.88 -6.97
N THR A 183 5.40 -2.03 -7.09
CA THR A 183 6.07 -1.60 -5.88
C THR A 183 6.63 -0.19 -6.03
N GLY A 184 7.12 0.31 -4.93
CA GLY A 184 7.53 1.68 -4.84
C GLY A 184 8.34 1.89 -3.58
N SER A 185 8.50 3.17 -3.25
CA SER A 185 9.39 3.67 -2.21
C SER A 185 8.59 4.13 -1.01
N ALA A 186 9.24 4.02 0.16
CA ALA A 186 8.85 4.82 1.31
C ALA A 186 9.55 6.16 1.19
N PHE A 187 9.14 7.11 2.03
CA PHE A 187 9.65 8.47 1.89
C PHE A 187 10.98 8.66 2.58
N ASP A 188 11.54 7.59 3.17
CA ASP A 188 12.98 7.58 3.46
C ASP A 188 13.79 7.13 2.26
N GLY A 189 13.16 6.91 1.09
CA GLY A 189 13.87 6.58 -0.12
C GLY A 189 14.15 5.12 -0.32
N THR A 190 13.84 4.26 0.66
CA THR A 190 14.01 2.84 0.45
C THR A 190 12.88 2.30 -0.40
N MET A 191 13.21 1.37 -1.29
CA MET A 191 12.18 0.57 -1.95
C MET A 191 11.62 -0.44 -0.97
N TYR A 192 10.31 -0.70 -1.06
CA TYR A 192 9.75 -1.79 -0.30
C TYR A 192 10.34 -3.10 -0.83
N GLY A 193 10.64 -4.01 0.08
CA GLY A 193 11.21 -5.28 -0.32
C GLY A 193 12.66 -5.13 -0.76
N ALA A 194 13.09 -6.07 -1.61
CA ALA A 194 14.46 -6.09 -2.14
C ALA A 194 14.54 -5.49 -3.53
N PHE A 195 13.56 -4.67 -3.92
CA PHE A 195 13.48 -4.21 -5.30
C PHE A 195 14.40 -3.03 -5.55
N MET A 196 14.85 -2.92 -6.81
CA MET A 196 15.66 -1.81 -7.28
C MET A 196 14.92 -1.02 -8.36
N ASP A 197 15.18 0.29 -8.41
CA ASP A 197 14.48 1.14 -9.38
C ASP A 197 15.28 1.19 -10.69
N LYS A 198 15.35 0.02 -11.31
CA LYS A 198 16.01 -0.17 -12.60
C LYS A 198 15.12 -1.05 -13.46
N GLN A 199 15.10 -0.77 -14.76
CA GLN A 199 14.17 -1.45 -15.65
C GLN A 199 14.76 -2.78 -16.11
N VAL A 200 14.77 -3.72 -15.17
CA VAL A 200 15.22 -5.09 -15.41
C VAL A 200 14.30 -6.02 -14.62
N HIS A 201 14.12 -7.23 -15.12
CA HIS A 201 13.29 -8.19 -14.42
C HIS A 201 14.02 -8.65 -13.14
N GLN A 202 13.28 -8.73 -12.05
CA GLN A 202 13.87 -8.93 -10.73
C GLN A 202 13.29 -10.16 -10.05
N VAL A 203 14.10 -10.76 -9.18
CA VAL A 203 13.63 -11.85 -8.33
C VAL A 203 12.36 -11.41 -7.64
N GLN A 204 11.31 -12.20 -7.72
CA GLN A 204 10.12 -11.88 -6.97
C GLN A 204 9.92 -12.91 -5.87
N LEU A 205 9.69 -12.42 -4.66
CA LEU A 205 9.57 -13.33 -3.54
C LEU A 205 8.17 -13.90 -3.52
N THR A 206 8.03 -15.04 -2.86
CA THR A 206 6.73 -15.67 -2.84
C THR A 206 5.78 -14.85 -1.97
N ASP A 207 4.55 -14.71 -2.46
CA ASP A 207 3.52 -14.10 -1.64
C ASP A 207 2.93 -15.15 -0.71
N LYS A 208 2.16 -14.68 0.28
CA LYS A 208 1.50 -15.54 1.25
C LYS A 208 0.15 -14.94 1.58
N TYR A 209 -0.73 -15.77 2.13
CA TYR A 209 -1.98 -15.29 2.72
C TYR A 209 -1.68 -14.55 4.01
N CYS A 210 -2.30 -13.39 4.21
CA CYS A 210 -2.11 -12.65 5.45
CA CYS A 210 -2.11 -12.65 5.46
C CYS A 210 -3.10 -13.18 6.48
N SER A 211 -2.59 -13.96 7.43
CA SER A 211 -3.46 -14.69 8.34
CA SER A 211 -3.48 -14.68 8.33
C SER A 211 -4.34 -13.74 9.17
N VAL A 212 -3.78 -12.64 9.66
CA VAL A 212 -4.60 -11.78 10.51
C VAL A 212 -5.77 -11.20 9.72
N ASN A 213 -5.57 -10.93 8.42
CA ASN A 213 -6.68 -10.41 7.61
C ASN A 213 -7.71 -11.49 7.29
N VAL A 214 -7.27 -12.74 7.12
CA VAL A 214 -8.22 -13.83 6.94
C VAL A 214 -9.08 -14.00 8.18
N VAL A 215 -8.45 -13.96 9.37
CA VAL A 215 -9.21 -13.96 10.61
C VAL A 215 -10.20 -12.80 10.66
N ALA A 216 -9.79 -11.60 10.23
CA ALA A 216 -10.72 -10.47 10.26
C ALA A 216 -11.94 -10.75 9.38
N TRP A 217 -11.70 -11.39 8.24
CA TRP A 217 -12.77 -11.63 7.29
C TRP A 217 -13.72 -12.68 7.81
N LEU A 218 -13.20 -13.70 8.48
CA LEU A 218 -14.05 -14.69 9.15
C LEU A 218 -14.88 -14.04 10.26
N TYR A 219 -14.30 -13.08 11.01
CA TYR A 219 -15.11 -12.33 11.95
C TYR A 219 -16.18 -11.52 11.25
N ALA A 220 -15.85 -10.92 10.09
CA ALA A 220 -16.86 -10.19 9.33
C ALA A 220 -18.01 -11.11 8.95
N ALA A 221 -17.69 -12.34 8.60
CA ALA A 221 -18.72 -13.32 8.28
C ALA A 221 -19.64 -13.55 9.48
N ILE A 222 -19.04 -13.83 10.64
CA ILE A 222 -19.82 -14.05 11.87
C ILE A 222 -20.72 -12.84 12.15
N LEU A 223 -20.15 -11.64 12.03
CA LEU A 223 -20.90 -10.43 12.27
C LEU A 223 -22.07 -10.29 11.32
N ASN A 224 -22.07 -11.01 10.21
CA ASN A 224 -23.17 -11.03 9.26
C ASN A 224 -24.09 -12.23 9.42
N GLY A 225 -23.94 -12.98 10.51
CA GLY A 225 -24.71 -14.18 10.78
C GLY A 225 -24.25 -15.42 10.04
N CYS A 226 -23.07 -15.39 9.45
CA CYS A 226 -22.49 -16.51 8.69
C CYS A 226 -21.40 -17.15 9.53
N ALA A 227 -21.72 -18.29 10.16
CA ALA A 227 -20.82 -18.90 11.12
C ALA A 227 -20.77 -20.41 11.01
N TRP A 228 -21.12 -20.97 9.85
CA TRP A 228 -21.13 -22.42 9.71
C TRP A 228 -19.76 -23.04 9.93
N PHE A 229 -18.71 -22.27 9.75
CA PHE A 229 -17.34 -22.78 9.83
C PHE A 229 -16.80 -22.73 11.26
N VAL A 230 -17.54 -22.14 12.19
CA VAL A 230 -17.08 -22.04 13.57
C VAL A 230 -17.39 -23.35 14.28
N LYS A 231 -16.37 -23.94 14.88
CA LYS A 231 -16.47 -25.13 15.71
C LYS A 231 -15.88 -24.83 17.08
N PRO A 232 -16.22 -25.61 18.11
CA PRO A 232 -15.52 -25.43 19.39
C PRO A 232 -14.04 -25.77 19.28
N ASN A 233 -13.64 -26.52 18.26
CA ASN A 233 -12.24 -26.84 18.06
C ASN A 233 -11.41 -25.56 17.96
N ARG A 234 -10.19 -25.65 18.49
CA ARG A 234 -9.28 -24.51 18.59
CA ARG A 234 -9.29 -24.51 18.57
C ARG A 234 -7.88 -24.92 18.19
N THR A 235 -7.13 -23.98 17.61
CA THR A 235 -5.71 -24.14 17.36
C THR A 235 -5.03 -22.96 18.04
N SER A 236 -3.97 -23.23 18.79
CA SER A 236 -3.25 -22.16 19.46
C SER A 236 -2.47 -21.33 18.45
N VAL A 237 -2.14 -20.10 18.83
CA VAL A 237 -1.36 -19.25 17.95
C VAL A 237 -0.02 -19.89 17.64
N VAL A 238 0.62 -20.48 18.65
CA VAL A 238 1.94 -21.05 18.38
CA VAL A 238 1.93 -21.08 18.42
C VAL A 238 1.83 -22.23 17.43
N SER A 239 0.80 -23.08 17.60
CA SER A 239 0.63 -24.22 16.71
C SER A 239 0.26 -23.78 15.31
N PHE A 240 -0.65 -22.80 15.22
CA PHE A 240 -1.01 -22.24 13.91
C PHE A 240 0.22 -21.69 13.19
N ASN A 241 1.09 -20.97 13.89
CA ASN A 241 2.20 -20.35 13.19
C ASN A 241 3.20 -21.35 12.68
N GLU A 242 3.40 -22.46 13.40
CA GLU A 242 4.20 -23.55 12.86
C GLU A 242 3.57 -24.08 11.59
N TRP A 243 2.25 -24.25 11.59
CA TRP A 243 1.54 -24.70 10.40
C TRP A 243 1.64 -23.67 9.28
N ALA A 244 1.52 -22.39 9.63
CA ALA A 244 1.56 -21.34 8.63
C ALA A 244 2.81 -21.42 7.77
N LEU A 245 3.96 -21.68 8.41
CA LEU A 245 5.21 -21.63 7.68
C LEU A 245 5.30 -22.67 6.58
N ALA A 246 4.56 -23.77 6.72
CA ALA A 246 4.56 -24.83 5.73
C ALA A 246 3.40 -24.74 4.74
N ASN A 247 2.54 -23.71 4.86
CA ASN A 247 1.31 -23.69 4.08
C ASN A 247 1.01 -22.33 3.48
N GLN A 248 2.04 -21.52 3.23
CA GLN A 248 1.88 -20.28 2.47
C GLN A 248 1.04 -19.24 3.20
N PHE A 249 1.06 -19.27 4.52
CA PHE A 249 0.44 -18.25 5.37
C PHE A 249 1.50 -17.48 6.15
N THR A 250 1.21 -16.22 6.41
CA THR A 250 2.01 -15.46 7.36
C THR A 250 1.73 -15.96 8.76
N GLU A 251 2.71 -15.77 9.63
CA GLU A 251 2.48 -16.03 11.03
C GLU A 251 1.48 -15.00 11.58
N PHE A 252 0.57 -15.49 12.42
CA PHE A 252 -0.45 -14.66 13.02
C PHE A 252 0.09 -13.92 14.23
N VAL A 253 -0.17 -12.62 14.27
CA VAL A 253 0.11 -11.75 15.42
C VAL A 253 -1.17 -11.01 15.74
N GLY A 254 -1.77 -11.31 16.88
CA GLY A 254 -3.00 -10.64 17.25
C GLY A 254 -2.76 -9.21 17.69
N THR A 255 -3.84 -8.44 17.63
CA THR A 255 -3.82 -7.02 17.97
C THR A 255 -5.10 -6.69 18.74
N GLN A 256 -5.12 -5.48 19.31
CA GLN A 256 -6.32 -5.00 19.98
C GLN A 256 -7.52 -4.96 19.04
N SER A 257 -7.30 -4.66 17.76
CA SER A 257 -8.40 -4.64 16.82
CA SER A 257 -8.43 -4.64 16.83
C SER A 257 -9.03 -6.02 16.66
N VAL A 258 -8.20 -7.05 16.58
CA VAL A 258 -8.72 -8.41 16.49
C VAL A 258 -9.44 -8.78 17.79
N ASP A 259 -8.86 -8.40 18.93
CA ASP A 259 -9.51 -8.75 20.20
C ASP A 259 -10.91 -8.16 20.30
N MET A 260 -11.13 -6.94 19.77
CA MET A 260 -12.47 -6.34 19.78
C MET A 260 -13.46 -7.18 19.00
N LEU A 261 -13.00 -7.78 17.90
CA LEU A 261 -13.89 -8.64 17.12
C LEU A 261 -14.22 -9.92 17.89
N ALA A 262 -13.23 -10.50 18.58
CA ALA A 262 -13.48 -11.68 19.40
C ALA A 262 -14.47 -11.37 20.51
N VAL A 263 -14.37 -10.18 21.10
CA VAL A 263 -15.27 -9.81 22.18
C VAL A 263 -16.69 -9.62 21.64
N LYS A 264 -16.82 -8.89 20.52
CA LYS A 264 -18.14 -8.62 19.95
C LYS A 264 -18.85 -9.88 19.49
N THR A 265 -18.13 -10.84 18.94
CA THR A 265 -18.75 -12.04 18.40
C THR A 265 -18.83 -13.18 19.39
N GLY A 266 -18.04 -13.13 20.46
CA GLY A 266 -17.94 -14.26 21.36
C GLY A 266 -17.19 -15.45 20.81
N VAL A 267 -16.49 -15.28 19.69
CA VAL A 267 -15.75 -16.36 19.06
C VAL A 267 -14.25 -16.11 19.24
N ALA A 268 -13.55 -17.10 19.77
CA ALA A 268 -12.14 -16.91 20.09
C ALA A 268 -11.26 -16.99 18.84
N ILE A 269 -10.15 -16.23 18.87
CA ILE A 269 -9.19 -16.26 17.78
C ILE A 269 -8.80 -17.69 17.44
N GLU A 270 -8.60 -18.52 18.46
CA GLU A 270 -8.08 -19.85 18.20
C GLU A 270 -9.09 -20.73 17.49
N GLN A 271 -10.39 -20.45 17.65
CA GLN A 271 -11.42 -21.14 16.88
C GLN A 271 -11.29 -20.82 15.39
N LEU A 272 -10.97 -19.58 15.06
CA LEU A 272 -10.82 -19.21 13.66
C LEU A 272 -9.48 -19.67 13.07
N LEU A 273 -8.43 -19.80 13.89
CA LEU A 273 -7.20 -20.38 13.37
C LEU A 273 -7.41 -21.84 12.99
N TYR A 274 -8.18 -22.59 13.80
CA TYR A 274 -8.60 -23.92 13.41
C TYR A 274 -9.45 -23.89 12.14
N ALA A 275 -10.40 -22.96 12.07
CA ALA A 275 -11.23 -22.87 10.88
C ALA A 275 -10.36 -22.65 9.63
N ILE A 276 -9.36 -21.77 9.72
CA ILE A 276 -8.52 -21.50 8.55
C ILE A 276 -7.80 -22.75 8.10
N GLN A 277 -7.29 -23.53 9.05
CA GLN A 277 -6.60 -24.76 8.71
C GLN A 277 -7.50 -25.70 7.91
N GLN A 278 -8.76 -25.81 8.33
CA GLN A 278 -9.69 -26.70 7.64
C GLN A 278 -10.14 -26.09 6.31
N LEU A 279 -10.47 -24.80 6.30
CA LEU A 279 -10.91 -24.17 5.05
C LEU A 279 -9.80 -24.19 4.00
N TYR A 280 -8.54 -24.03 4.41
CA TYR A 280 -7.46 -24.01 3.43
C TYR A 280 -7.42 -25.32 2.65
N THR A 281 -7.83 -26.43 3.28
CA THR A 281 -7.96 -27.69 2.58
C THR A 281 -9.14 -27.71 1.62
N GLY A 282 -10.13 -26.85 1.83
CA GLY A 282 -11.22 -26.69 0.89
C GLY A 282 -12.52 -26.32 1.59
N PHE A 283 -13.34 -25.54 0.88
CA PHE A 283 -14.64 -25.12 1.41
C PHE A 283 -15.71 -26.18 1.23
N GLN A 284 -15.44 -27.23 0.46
CA GLN A 284 -16.39 -28.33 0.24
C GLN A 284 -17.72 -27.79 -0.29
N GLY A 285 -17.64 -26.95 -1.31
CA GLY A 285 -18.82 -26.39 -1.96
C GLY A 285 -19.49 -25.24 -1.25
N LYS A 286 -19.23 -25.04 0.05
CA LYS A 286 -19.87 -23.96 0.77
C LYS A 286 -19.19 -22.63 0.47
N GLN A 287 -19.90 -21.54 0.72
CA GLN A 287 -19.35 -20.21 0.53
C GLN A 287 -19.33 -19.46 1.85
N ILE A 288 -18.41 -18.50 1.94
CA ILE A 288 -18.34 -17.56 3.04
C ILE A 288 -18.41 -16.17 2.42
N LEU A 289 -19.42 -15.39 2.82
CA LEU A 289 -19.60 -14.03 2.30
C LEU A 289 -19.45 -14.01 0.80
N GLY A 290 -20.08 -14.99 0.16
CA GLY A 290 -20.13 -15.06 -1.30
C GLY A 290 -18.84 -15.46 -1.96
N SER A 291 -17.91 -16.07 -1.22
CA SER A 291 -16.60 -16.45 -1.75
C SER A 291 -16.33 -17.91 -1.46
N THR A 292 -15.62 -18.55 -2.39
CA THR A 292 -15.18 -19.93 -2.23
C THR A 292 -13.70 -20.03 -1.88
N MET A 293 -13.05 -18.90 -1.62
CA MET A 293 -11.64 -18.89 -1.22
C MET A 293 -11.46 -17.91 -0.07
N LEU A 294 -10.38 -18.11 0.67
CA LEU A 294 -10.07 -17.22 1.80
C LEU A 294 -9.77 -15.84 1.27
N GLU A 295 -10.25 -14.83 1.98
CA GLU A 295 -10.07 -13.42 1.63
C GLU A 295 -9.12 -12.78 2.64
N ASP A 296 -8.03 -12.17 2.14
CA ASP A 296 -7.10 -11.52 3.05
C ASP A 296 -6.87 -10.06 2.70
N GLU A 297 -7.79 -9.43 1.95
CA GLU A 297 -7.63 -8.05 1.53
C GLU A 297 -8.39 -7.06 2.41
N PHE A 298 -8.99 -7.54 3.49
CA PHE A 298 -9.63 -6.68 4.48
C PHE A 298 -8.98 -6.85 5.85
N THR A 299 -8.74 -5.73 6.53
CA THR A 299 -8.02 -5.76 7.79
C THR A 299 -8.96 -5.83 8.99
N PRO A 300 -8.44 -6.18 10.17
CA PRO A 300 -9.27 -6.05 11.37
C PRO A 300 -9.90 -4.68 11.53
N GLU A 301 -9.14 -3.63 11.23
CA GLU A 301 -9.66 -2.29 11.34
C GLU A 301 -10.78 -2.03 10.34
N ASP A 302 -10.65 -2.53 9.11
CA ASP A 302 -11.74 -2.40 8.14
C ASP A 302 -13.03 -2.96 8.71
N VAL A 303 -12.93 -4.15 9.29
CA VAL A 303 -14.13 -4.81 9.80
C VAL A 303 -14.69 -4.03 11.00
N ASN A 304 -13.82 -3.61 11.93
CA ASN A 304 -14.29 -2.83 13.07
C ASN A 304 -14.99 -1.56 12.61
N MET A 305 -14.37 -0.85 11.67
CA MET A 305 -14.92 0.44 11.21
C MET A 305 -16.16 0.27 10.35
N GLN A 306 -16.10 -0.59 9.33
CA GLN A 306 -17.17 -0.61 8.34
C GLN A 306 -18.40 -1.30 8.87
N ILE A 307 -18.22 -2.35 9.66
CA ILE A 307 -19.34 -3.12 10.15
C ILE A 307 -19.76 -2.68 11.56
N MET A 308 -18.82 -2.50 12.47
CA MET A 308 -19.15 -2.17 13.85
C MET A 308 -19.20 -0.67 14.12
N GLY A 309 -18.74 0.17 13.19
CA GLY A 309 -18.78 1.60 13.42
C GLY A 309 -17.79 2.08 14.44
N VAL A 310 -16.72 1.31 14.65
CA VAL A 310 -15.63 1.69 15.52
C VAL A 310 -14.41 2.16 14.73
C02 IRK B . 8.86 -0.61 -15.01
C04 IRK B . 9.70 1.63 -14.30
C05 IRK B . 10.92 2.54 -14.41
C06 IRK B . 12.17 1.91 -13.73
C07 IRK B . 12.03 1.88 -12.19
C08 IRK B . 13.42 2.69 -14.16
C09 IRK B . 8.48 2.34 -14.89
C11 IRK B . 6.37 3.64 -14.32
C12 IRK B . 5.14 2.91 -13.71
C13 IRK B . 4.90 1.44 -14.34
C14 IRK B . 3.89 0.87 -13.86
C16 IRK B . 3.89 0.63 -16.35
C17 IRK B . 4.65 1.59 -16.01
C19 IRK B . 6.42 5.08 -13.83
C23 IRK B . 7.82 -2.49 -16.02
C24 IRK B . 7.97 -3.56 -17.13
C25 IRK B . 7.31 -4.90 -16.77
C26 IRK B . 8.83 -4.81 -16.89
C27 IRK B . 9.65 -4.88 -15.58
C28 IRK B . 11.08 -4.32 -15.81
C29 IRK B . 11.86 -5.14 -16.86
N03 IRK B . 9.90 0.42 -15.04
N10 IRK B . 7.58 2.95 -13.90
N15 IRK B . 3.10 0.25 -15.10
O01 IRK B . 7.93 -0.53 -14.25
O18 IRK B . 3.56 0.74 -12.73
O20 IRK B . 7.51 5.72 -14.42
O21 IRK B . 8.26 2.38 -16.06
O22 IRK B . 8.98 -1.68 -15.93
C02 IUB C . 8.78 -0.68 -15.06
C04 IUB C . 9.64 1.55 -14.35
C05 IUB C . 10.88 2.45 -14.45
C06 IUB C . 12.11 1.82 -13.75
C07 IUB C . 11.94 1.79 -12.22
C08 IUB C . 13.39 2.62 -14.14
C09 IUB C . 8.45 2.29 -14.94
C11 IUB C . 6.43 3.70 -14.38
C12 IUB C . 5.16 3.06 -13.81
C13 IUB C . 4.93 1.56 -14.37
C14 IUB C . 3.90 1.00 -13.90
C16 IUB C . 4.06 0.59 -16.36
C17 IUB C . 4.74 1.60 -16.04
C19 IUB C . 6.59 5.11 -13.86
C23 IUB C . 7.77 -2.56 -16.05
C24 IUB C . 7.93 -3.64 -17.17
C25 IUB C . 7.30 -4.99 -16.78
C26 IUB C . 8.82 -4.88 -16.92
C27 IUB C . 9.65 -4.92 -15.61
C28 IUB C . 11.06 -4.34 -15.86
C29 IUB C . 11.85 -5.20 -16.88
N03 IUB C . 9.83 0.34 -15.10
N10 IUB C . 7.62 2.98 -13.96
N15 IUB C . 3.19 0.27 -15.12
O01 IUB C . 7.84 -0.60 -14.32
O18 IUB C . 3.51 0.95 -12.78
O20 IUB C . 5.45 5.82 -14.27
O21 IUB C . 8.19 2.28 -16.10
O22 IUB C . 8.92 -1.75 -15.98
O1 PG4 D . -17.11 7.11 11.14
C1 PG4 D . -17.96 6.01 11.40
C2 PG4 D . -17.33 4.73 10.92
O2 PG4 D . -16.92 4.88 9.57
C3 PG4 D . -17.50 3.95 8.68
C4 PG4 D . -16.47 3.37 7.75
O3 PG4 D . -15.26 4.11 7.79
C5 PG4 D . -14.37 3.52 6.83
C6 PG4 D . -13.27 4.48 6.50
O4 PG4 D . -12.13 3.71 6.11
C7 PG4 D . -11.10 4.52 5.60
C8 PG4 D . -10.08 3.55 5.09
O5 PG4 D . -9.31 3.00 6.15
#